data_4O49
#
_entry.id   4O49
#
_cell.length_a   132.800
_cell.length_b   150.400
_cell.length_c   93.480
_cell.angle_alpha   90.000
_cell.angle_beta   90.000
_cell.angle_gamma   90.000
#
_symmetry.space_group_name_H-M   'C 2 2 21'
#
loop_
_entity.id
_entity.type
_entity.pdbx_description
1 polymer 'Outer membrane protein; transferrin-binding protein'
2 non-polymer GLYCEROL
3 non-polymer 'ACETATE ION'
4 water water
#
_entity_poly.entity_id   1
_entity_poly.type   'polypeptide(L)'
_entity_poly.pdbx_seq_one_letter_code
;GSFDLDDVQPNKAVEPEKTKVNYTDEETQKRKKEELDKLMEPALGYVTKIPVNIPSVRKTEISEIDTVTDESLSLVPNED
KLRTIANENYGSVVTKSGSNTMNFVRSGYTIDVVHYGLRDKGYVYYKGVHPSKELPKGNIIVYQGEWDFTSNADLDAKRP
NYNPEFNGAGAGQRVGVTSADAKERTYISKFNIDFSNKKLNGQLLTKTKENQEKLRYTVEANISGNRFRGKATATDKTDP
ILGKDSEHLEGGLYGPKSEELAGKFVAHDKSLFAVFSGKRGNDVLETVKIIDASKIDLTTFESSELNNFGNANVLIIDGQ
KIDLAGADFKNRKTVDINGKTMVAIACCSNLEYMKFGQLWQKEGEQTKDNSLFLQGERTATDKIPVGGNYKYVGTWDALV
SKGTNWVAEADNNRESGYRSEFDVNFGDKKVSGKLFDKGGIVPVFMINADIKGNGFTGTANTTDTGFALDSGSSQHGNAV
FSDIKVNGGFYGPTAGELGGQFHHKSDNGSVGAVFGAKRQIEK
;
_entity_poly.pdbx_strand_id   A
#
loop_
_chem_comp.id
_chem_comp.type
_chem_comp.name
_chem_comp.formula
ACT non-polymer 'ACETATE ION' 'C2 H3 O2 -1'
GOL non-polymer GLYCEROL 'C3 H8 O3'
#
# COMPACT_ATOMS: atom_id res chain seq x y z
N VAL A 21 -10.56 42.93 2.87
CA VAL A 21 -11.60 41.95 2.54
C VAL A 21 -10.99 40.66 1.99
N ASN A 22 -11.19 39.57 2.72
CA ASN A 22 -10.64 38.27 2.35
C ASN A 22 -11.62 37.42 1.57
N TYR A 23 -11.41 37.32 0.25
CA TYR A 23 -12.27 36.52 -0.60
C TYR A 23 -11.72 35.11 -0.82
N THR A 24 -12.48 34.11 -0.40
CA THR A 24 -12.09 32.71 -0.59
C THR A 24 -13.17 31.91 -1.32
N ASP A 25 -12.82 30.71 -1.76
CA ASP A 25 -13.76 29.85 -2.48
C ASP A 25 -14.86 29.33 -1.56
N GLU A 26 -16.11 29.52 -1.98
CA GLU A 26 -17.25 28.95 -1.27
C GLU A 26 -17.30 27.43 -1.51
N GLU A 27 -16.87 26.67 -0.51
CA GLU A 27 -16.90 25.21 -0.62
C GLU A 27 -18.25 24.67 -0.14
N THR A 28 -18.99 24.04 -1.05
CA THR A 28 -20.25 23.39 -0.69
C THR A 28 -20.00 22.25 0.31
N GLN A 29 -21.06 21.83 0.98
CA GLN A 29 -20.94 20.71 1.93
C GLN A 29 -20.63 19.41 1.20
N LYS A 30 -21.11 19.30 -0.03
CA LYS A 30 -20.77 18.17 -0.89
C LYS A 30 -19.27 18.14 -1.14
N ARG A 31 -18.77 19.27 -1.64
CA ARG A 31 -17.34 19.44 -1.94
C ARG A 31 -16.44 19.10 -0.76
N LYS A 32 -16.85 19.50 0.44
CA LYS A 32 -16.07 19.25 1.63
C LYS A 32 -15.96 17.76 1.92
N LYS A 33 -17.06 17.04 1.77
CA LYS A 33 -17.08 15.59 1.96
C LYS A 33 -16.17 14.88 0.98
N GLU A 34 -16.26 15.24 -0.30
CA GLU A 34 -15.45 14.64 -1.35
CA GLU A 34 -15.45 14.60 -1.32
C GLU A 34 -13.97 14.88 -1.10
N GLU A 35 -13.66 16.06 -0.54
CA GLU A 35 -12.28 16.42 -0.21
C GLU A 35 -11.68 15.45 0.80
N LEU A 36 -12.44 15.19 1.85
CA LEU A 36 -12.03 14.25 2.89
C LEU A 36 -11.95 12.81 2.37
N ASP A 37 -12.86 12.45 1.47
CA ASP A 37 -12.87 11.10 0.90
C ASP A 37 -11.60 10.80 0.13
N LYS A 38 -11.07 11.80 -0.58
CA LYS A 38 -9.83 11.64 -1.33
C LYS A 38 -8.66 11.33 -0.41
N LEU A 39 -8.75 11.79 0.83
CA LEU A 39 -7.71 11.55 1.83
C LEU A 39 -7.70 10.09 2.29
N MET A 40 -8.75 9.36 1.96
CA MET A 40 -8.87 7.96 2.37
C MET A 40 -8.12 7.01 1.44
N GLU A 41 -7.71 7.51 0.28
CA GLU A 41 -6.90 6.73 -0.64
C GLU A 41 -5.64 6.24 0.03
N PRO A 42 -5.36 4.94 -0.04
CA PRO A 42 -4.16 4.38 0.58
C PRO A 42 -2.88 4.97 -0.02
N ALA A 43 -1.83 5.03 0.79
CA ALA A 43 -0.54 5.57 0.38
C ALA A 43 0.51 5.08 1.35
N LEU A 44 1.78 5.17 0.96
CA LEU A 44 2.85 4.84 1.88
C LEU A 44 2.77 5.73 3.12
N GLY A 45 2.32 6.98 2.95
CA GLY A 45 2.18 7.90 4.07
C GLY A 45 1.50 9.22 3.73
N TYR A 46 1.25 10.02 4.78
CA TYR A 46 0.64 11.33 4.61
C TYR A 46 1.36 12.35 5.47
N VAL A 47 1.39 13.59 5.03
CA VAL A 47 2.00 14.66 5.77
C VAL A 47 1.14 15.90 5.70
N THR A 48 1.11 16.67 6.75
CA THR A 48 0.37 17.91 6.74
C THR A 48 1.14 19.06 7.31
N LYS A 49 0.76 20.24 6.89
CA LYS A 49 1.37 21.46 7.34
C LYS A 49 0.65 21.95 8.55
N ILE A 50 1.38 22.42 9.54
CA ILE A 50 0.78 23.02 10.72
C ILE A 50 0.27 24.42 10.40
N PRO A 51 -1.05 24.63 10.53
CA PRO A 51 -1.69 25.90 10.18
C PRO A 51 -1.13 27.10 10.94
N VAL A 52 -0.92 28.20 10.22
CA VAL A 52 -0.48 29.45 10.82
C VAL A 52 -1.28 30.61 10.23
N ASN A 53 -2.03 31.30 11.08
CA ASN A 53 -2.89 32.39 10.62
C ASN A 53 -2.12 33.50 9.91
N ILE A 54 -2.52 33.79 8.67
CA ILE A 54 -2.06 35.01 8.02
C ILE A 54 -2.72 36.17 8.76
N PRO A 55 -2.08 37.35 8.75
CA PRO A 55 -2.57 38.47 9.58
C PRO A 55 -4.02 38.86 9.28
N SER A 56 -4.45 38.62 8.05
CA SER A 56 -5.79 38.98 7.62
C SER A 56 -6.86 38.17 8.36
N VAL A 57 -6.82 36.85 8.18
CA VAL A 57 -7.85 35.96 8.68
C VAL A 57 -7.73 35.69 10.18
N ARG A 58 -8.75 35.05 10.74
CA ARG A 58 -8.78 34.71 12.15
C ARG A 58 -8.75 33.20 12.35
N LYS A 59 -9.02 32.47 11.27
CA LYS A 59 -9.16 31.03 11.34
C LYS A 59 -8.49 30.35 10.13
N THR A 60 -7.57 29.43 10.42
CA THR A 60 -6.90 28.69 9.37
C THR A 60 -7.13 27.20 9.57
N GLU A 61 -7.93 26.59 8.69
CA GLU A 61 -8.21 25.18 8.80
CA GLU A 61 -8.22 25.17 8.76
C GLU A 61 -7.03 24.34 8.33
N ILE A 62 -7.02 23.07 8.69
CA ILE A 62 -6.03 22.15 8.19
C ILE A 62 -6.39 21.84 6.75
N SER A 63 -5.47 22.10 5.82
CA SER A 63 -5.84 22.07 4.41
C SER A 63 -4.91 21.25 3.52
N GLU A 64 -3.63 21.60 3.48
CA GLU A 64 -2.71 20.93 2.56
C GLU A 64 -2.27 19.59 3.11
N ILE A 65 -3.07 18.56 2.85
CA ILE A 65 -2.72 17.20 3.25
C ILE A 65 -2.21 16.44 2.03
N ASP A 66 -0.90 16.17 2.02
CA ASP A 66 -0.26 15.56 0.85
C ASP A 66 0.14 14.12 1.13
N THR A 67 0.22 13.32 0.07
CA THR A 67 0.68 11.95 0.19
C THR A 67 2.20 11.89 0.25
N VAL A 68 2.73 10.88 0.93
CA VAL A 68 4.17 10.63 0.90
C VAL A 68 4.42 9.50 -0.09
N THR A 69 5.30 9.74 -1.06
CA THR A 69 5.53 8.77 -2.13
C THR A 69 6.94 8.21 -2.15
N ASP A 70 7.84 8.81 -1.39
CA ASP A 70 9.20 8.28 -1.27
CA ASP A 70 9.20 8.28 -1.27
C ASP A 70 9.20 7.08 -0.34
N GLU A 71 10.12 6.15 -0.58
CA GLU A 71 10.11 4.86 0.10
C GLU A 71 11.22 4.68 1.14
N SER A 72 11.82 5.78 1.58
CA SER A 72 12.91 5.68 2.55
C SER A 72 12.50 6.27 3.90
N LEU A 73 12.63 5.45 4.94
CA LEU A 73 12.19 5.86 6.27
C LEU A 73 13.05 6.97 6.85
N SER A 74 14.28 7.09 6.38
CA SER A 74 15.19 8.11 6.89
C SER A 74 14.82 9.50 6.39
N LEU A 75 14.04 9.56 5.30
CA LEU A 75 13.58 10.84 4.76
C LEU A 75 12.34 11.32 5.50
N VAL A 76 12.49 12.43 6.23
CA VAL A 76 11.38 13.04 6.93
C VAL A 76 10.65 14.02 6.02
N PRO A 77 9.36 13.75 5.75
CA PRO A 77 8.53 14.51 4.82
C PRO A 77 8.58 16.02 5.06
N ASN A 78 9.01 16.77 4.05
CA ASN A 78 9.03 18.22 4.06
C ASN A 78 9.95 18.86 5.12
N GLU A 79 10.81 18.06 5.73
CA GLU A 79 11.80 18.58 6.67
C GLU A 79 12.77 19.50 5.96
N ASP A 80 13.07 19.17 4.70
N ASP A 80 13.07 19.18 4.70
CA ASP A 80 13.96 19.97 3.87
CA ASP A 80 13.97 19.98 3.88
C ASP A 80 13.39 21.38 3.65
C ASP A 80 13.39 21.38 3.67
N LYS A 81 12.10 21.44 3.36
CA LYS A 81 11.44 22.72 3.13
C LYS A 81 11.35 23.54 4.41
N LEU A 82 11.25 22.85 5.54
CA LEU A 82 11.16 23.52 6.83
C LEU A 82 12.53 24.01 7.30
N ARG A 83 13.58 23.22 7.06
CA ARG A 83 14.92 23.63 7.46
C ARG A 83 15.36 24.86 6.70
N THR A 84 14.86 25.01 5.47
CA THR A 84 15.15 26.18 4.67
C THR A 84 14.63 27.45 5.34
N ILE A 85 13.34 27.44 5.69
CA ILE A 85 12.74 28.60 6.35
C ILE A 85 13.34 28.83 7.73
N ALA A 86 13.65 27.75 8.42
CA ALA A 86 14.17 27.82 9.79
C ALA A 86 15.54 28.51 9.85
N ASN A 87 16.44 28.16 8.93
CA ASN A 87 17.78 28.71 8.92
C ASN A 87 17.79 30.20 8.62
N GLU A 88 16.89 30.64 7.74
CA GLU A 88 16.80 32.04 7.39
C GLU A 88 16.32 32.87 8.57
N ASN A 89 15.43 32.29 9.37
CA ASN A 89 14.90 32.94 10.55
C ASN A 89 15.63 32.50 11.81
N TYR A 90 16.74 31.78 11.63
CA TYR A 90 17.61 31.36 12.72
C TYR A 90 16.86 30.49 13.74
N GLY A 91 15.93 29.68 13.25
CA GLY A 91 15.12 28.84 14.09
C GLY A 91 15.80 27.53 14.46
N SER A 92 15.04 26.62 15.06
CA SER A 92 15.57 25.34 15.49
C SER A 92 14.60 24.20 15.19
N VAL A 93 14.96 23.35 14.23
CA VAL A 93 14.12 22.25 13.82
C VAL A 93 14.31 21.03 14.73
N VAL A 94 13.20 20.48 15.21
CA VAL A 94 13.22 19.24 15.98
C VAL A 94 12.31 18.22 15.28
N THR A 95 12.81 16.99 15.14
CA THR A 95 12.04 15.95 14.46
C THR A 95 11.74 14.79 15.39
N LYS A 96 10.48 14.38 15.43
CA LYS A 96 10.08 13.18 16.16
C LYS A 96 9.48 12.16 15.19
N SER A 97 10.08 10.97 15.14
CA SER A 97 9.68 9.97 14.15
C SER A 97 9.42 8.59 14.76
N GLY A 98 9.90 8.36 15.98
CA GLY A 98 9.80 7.06 16.60
C GLY A 98 10.80 6.08 16.01
N SER A 99 11.92 6.61 15.52
CA SER A 99 12.91 5.81 14.80
C SER A 99 13.66 4.83 15.69
N ASN A 100 13.63 5.06 17.01
CA ASN A 100 14.34 4.19 17.94
CA ASN A 100 14.35 4.19 17.93
C ASN A 100 13.51 2.99 18.37
N THR A 101 12.23 2.99 17.98
CA THR A 101 11.33 1.90 18.35
C THR A 101 10.85 1.12 17.14
N MET A 102 10.41 1.86 16.12
CA MET A 102 9.78 1.25 14.95
C MET A 102 10.82 0.86 13.89
N ASN A 103 10.52 -0.20 13.14
CA ASN A 103 11.41 -0.70 12.10
C ASN A 103 10.88 -0.48 10.69
N PHE A 104 9.58 -0.24 10.57
CA PHE A 104 8.94 -0.15 9.27
C PHE A 104 8.09 1.09 9.08
N VAL A 105 7.75 1.75 10.19
CA VAL A 105 6.96 2.97 10.12
C VAL A 105 7.66 4.14 10.80
N ARG A 106 7.30 5.35 10.38
CA ARG A 106 7.76 6.56 11.04
C ARG A 106 6.56 7.47 11.20
N SER A 107 6.44 8.11 12.35
CA SER A 107 5.33 9.02 12.59
C SER A 107 5.67 10.07 13.65
N GLY A 108 5.05 11.23 13.52
CA GLY A 108 5.30 12.32 14.44
C GLY A 108 5.35 13.63 13.71
N TYR A 109 6.44 14.36 13.92
CA TYR A 109 6.50 15.73 13.43
C TYR A 109 7.91 16.21 13.11
N THR A 110 7.97 17.31 12.36
CA THR A 110 9.18 18.10 12.28
C THR A 110 8.78 19.56 12.54
N ILE A 111 9.33 20.14 13.61
CA ILE A 111 8.90 21.45 14.11
C ILE A 111 10.04 22.43 14.33
N ASP A 112 9.83 23.68 13.94
CA ASP A 112 10.65 24.79 14.43
C ASP A 112 10.17 25.15 15.83
N VAL A 113 10.95 24.78 16.84
CA VAL A 113 10.49 24.89 18.23
C VAL A 113 10.59 26.30 18.82
N VAL A 114 11.40 27.16 18.20
CA VAL A 114 11.48 28.55 18.64
C VAL A 114 10.68 29.44 17.70
N HIS A 115 9.60 28.88 17.15
CA HIS A 115 8.78 29.58 16.16
C HIS A 115 8.05 30.79 16.74
N TYR A 116 8.03 31.87 15.97
CA TYR A 116 7.18 33.02 16.24
C TYR A 116 6.75 33.63 14.91
N GLY A 117 5.77 34.52 14.95
CA GLY A 117 5.37 35.23 13.76
C GLY A 117 4.57 34.41 12.76
N LEU A 118 4.81 34.68 11.49
CA LEU A 118 3.97 34.16 10.43
C LEU A 118 4.66 33.12 9.56
N ARG A 119 5.93 32.83 9.85
CA ARG A 119 6.65 31.83 9.07
C ARG A 119 6.12 30.43 9.38
N ASP A 120 6.53 29.46 8.56
CA ASP A 120 6.10 28.07 8.74
C ASP A 120 6.55 27.51 10.08
N LYS A 121 5.70 26.71 10.71
CA LYS A 121 6.05 26.09 11.98
C LYS A 121 6.50 24.64 11.80
N GLY A 122 5.89 23.93 10.85
CA GLY A 122 6.34 22.59 10.55
C GLY A 122 5.28 21.63 10.06
N TYR A 123 5.56 20.34 10.22
CA TYR A 123 4.72 19.32 9.61
C TYR A 123 4.43 18.14 10.54
N VAL A 124 3.26 17.53 10.34
CA VAL A 124 2.91 16.29 11.04
C VAL A 124 2.69 15.20 10.01
N TYR A 125 3.22 14.01 10.27
CA TYR A 125 3.22 12.97 9.25
C TYR A 125 3.24 11.55 9.81
N TYR A 126 2.89 10.60 8.94
CA TYR A 126 3.27 9.20 9.11
C TYR A 126 3.70 8.67 7.76
N LYS A 127 4.61 7.71 7.77
CA LYS A 127 4.94 6.99 6.55
C LYS A 127 5.34 5.59 6.92
N GLY A 128 5.27 4.69 5.94
CA GLY A 128 5.59 3.31 6.19
C GLY A 128 6.27 2.67 4.99
N VAL A 129 6.77 1.47 5.20
CA VAL A 129 7.56 0.79 4.21
C VAL A 129 7.15 -0.68 4.19
N HIS A 130 7.27 -1.30 3.02
CA HIS A 130 6.86 -2.68 2.82
C HIS A 130 5.42 -2.94 3.27
N PRO A 131 4.44 -2.36 2.56
CA PRO A 131 3.04 -2.63 2.89
C PRO A 131 2.80 -4.13 2.96
N SER A 132 2.28 -4.58 4.09
CA SER A 132 2.24 -6.00 4.43
C SER A 132 1.55 -6.89 3.41
N LYS A 133 2.21 -7.98 3.04
CA LYS A 133 1.64 -8.95 2.12
C LYS A 133 1.17 -10.21 2.85
N GLU A 134 1.66 -10.37 4.09
CA GLU A 134 1.20 -11.47 4.95
C GLU A 134 0.64 -10.95 6.26
N LEU A 135 -0.55 -11.42 6.63
CA LEU A 135 -1.15 -11.08 7.92
C LEU A 135 -1.13 -12.32 8.81
N PRO A 136 -1.14 -12.12 10.14
CA PRO A 136 -1.34 -13.26 11.05
C PRO A 136 -2.65 -13.98 10.72
N LYS A 137 -2.68 -15.29 10.91
CA LYS A 137 -3.79 -16.11 10.46
C LYS A 137 -5.10 -15.78 11.16
N GLY A 138 -5.03 -15.57 12.47
CA GLY A 138 -6.21 -15.23 13.26
C GLY A 138 -5.88 -14.66 14.62
N ASN A 139 -6.86 -14.72 15.53
CA ASN A 139 -6.74 -14.22 16.90
C ASN A 139 -6.61 -12.70 17.03
N ILE A 140 -6.62 -12.22 18.27
CA ILE A 140 -6.52 -10.79 18.58
C ILE A 140 -5.08 -10.39 18.88
N ILE A 141 -4.52 -9.50 18.07
CA ILE A 141 -3.12 -9.12 18.26
C ILE A 141 -2.98 -7.68 18.73
N VAL A 142 -2.26 -7.51 19.84
CA VAL A 142 -2.04 -6.20 20.42
C VAL A 142 -0.91 -5.45 19.75
N TYR A 143 -1.17 -4.21 19.34
CA TYR A 143 -0.14 -3.32 18.83
C TYR A 143 -0.05 -2.08 19.72
N GLN A 144 1.16 -1.76 20.16
CA GLN A 144 1.38 -0.60 21.02
CA GLN A 144 1.36 -0.59 21.01
C GLN A 144 2.33 0.39 20.35
N GLY A 145 2.04 1.68 20.48
CA GLY A 145 2.89 2.70 19.89
C GLY A 145 2.65 4.09 20.43
N GLU A 146 2.75 5.08 19.56
CA GLU A 146 2.57 6.47 19.95
C GLU A 146 1.64 7.17 18.98
N TRP A 147 1.30 8.42 19.29
CA TRP A 147 0.55 9.24 18.34
C TRP A 147 0.89 10.72 18.50
N ASP A 148 0.56 11.49 17.48
CA ASP A 148 0.81 12.93 17.48
C ASP A 148 -0.29 13.64 16.71
N PHE A 149 -0.30 14.97 16.80
CA PHE A 149 -1.33 15.76 16.13
C PHE A 149 -0.91 17.20 15.94
N THR A 150 -1.57 17.87 14.99
CA THR A 150 -1.61 19.31 14.96
C THR A 150 -3.07 19.73 14.89
N SER A 151 -3.39 20.85 15.53
CA SER A 151 -4.73 21.40 15.46
C SER A 151 -4.76 22.45 14.36
N ASN A 152 -5.94 23.02 14.14
CA ASN A 152 -6.06 24.19 13.28
C ASN A 152 -5.77 25.45 14.10
N ALA A 153 -6.08 26.60 13.53
CA ALA A 153 -5.91 27.86 14.25
C ALA A 153 -7.23 28.63 14.22
N ASP A 154 -7.72 29.03 15.38
CA ASP A 154 -9.03 29.67 15.47
C ASP A 154 -9.11 30.68 16.62
N LEU A 155 -9.15 31.96 16.29
CA LEU A 155 -9.33 33.01 17.29
C LEU A 155 -10.77 32.97 17.80
N ASP A 156 -11.71 32.84 16.89
CA ASP A 156 -13.13 32.90 17.21
C ASP A 156 -13.68 31.55 17.64
N ALA A 157 -12.99 30.88 18.56
CA ALA A 157 -13.46 29.59 19.05
C ALA A 157 -12.81 29.17 20.36
N LYS A 158 -13.64 28.63 21.25
CA LYS A 158 -13.22 27.77 22.36
C LYS A 158 -12.02 28.20 23.18
N ARG A 159 -10.85 28.15 22.56
CA ARG A 159 -9.58 27.95 23.25
C ARG A 159 -9.22 29.00 24.29
N PRO A 160 -9.08 28.56 25.55
CA PRO A 160 -8.68 29.39 26.69
C PRO A 160 -7.23 29.82 26.59
N ASN A 161 -6.91 30.99 27.12
CA ASN A 161 -5.54 31.48 27.09
C ASN A 161 -4.62 30.62 27.93
N TYR A 162 -5.10 30.17 29.09
CA TYR A 162 -4.37 29.17 29.85
C TYR A 162 -4.90 27.78 29.54
N ASN A 163 -4.02 26.91 29.05
CA ASN A 163 -4.39 25.54 28.76
C ASN A 163 -3.45 24.59 29.50
N PRO A 164 -3.93 23.97 30.59
CA PRO A 164 -3.11 23.17 31.49
C PRO A 164 -2.37 22.02 30.81
N GLU A 165 -2.81 21.63 29.62
CA GLU A 165 -2.20 20.52 28.91
C GLU A 165 -1.04 20.98 28.01
N PHE A 166 -1.12 22.21 27.51
CA PHE A 166 -0.12 22.69 26.57
C PHE A 166 0.69 23.85 27.12
N ASN A 167 1.98 23.86 26.79
CA ASN A 167 2.88 24.90 27.25
C ASN A 167 2.50 26.28 26.73
N GLY A 168 2.73 27.29 27.57
CA GLY A 168 2.49 28.66 27.18
C GLY A 168 1.02 29.03 27.11
N ALA A 169 0.74 30.18 26.49
CA ALA A 169 -0.61 30.70 26.43
C ALA A 169 -1.08 30.95 25.00
N GLY A 170 -2.38 30.85 24.78
CA GLY A 170 -2.98 31.10 23.49
C GLY A 170 -2.87 29.94 22.53
N ALA A 171 -2.54 28.76 23.06
CA ALA A 171 -2.32 27.56 22.25
C ALA A 171 -3.53 27.21 21.39
N GLY A 172 -3.36 27.31 20.07
CA GLY A 172 -4.41 26.96 19.13
C GLY A 172 -5.19 28.14 18.58
N GLN A 173 -4.77 29.35 18.94
CA GLN A 173 -5.48 30.55 18.51
C GLN A 173 -4.94 31.10 17.19
N ARG A 174 -3.64 31.40 17.15
CA ARG A 174 -3.05 31.96 15.95
CA ARG A 174 -3.02 31.97 15.97
C ARG A 174 -2.21 30.92 15.21
N VAL A 175 -1.71 29.94 15.96
CA VAL A 175 -0.94 28.84 15.39
C VAL A 175 -1.49 27.53 15.95
N GLY A 176 -1.46 26.48 15.13
CA GLY A 176 -1.94 25.17 15.57
C GLY A 176 -1.10 24.60 16.71
N VAL A 177 -1.76 23.96 17.67
CA VAL A 177 -1.03 23.27 18.73
C VAL A 177 -0.67 21.87 18.29
N THR A 178 0.44 21.37 18.78
CA THR A 178 0.85 20.00 18.50
C THR A 178 1.17 19.26 19.78
N SER A 179 1.37 17.95 19.67
CA SER A 179 1.80 17.13 20.78
C SER A 179 3.18 17.54 21.26
N ALA A 180 3.94 18.17 20.37
CA ALA A 180 5.25 18.71 20.73
C ALA A 180 5.13 19.84 21.76
N ASP A 181 3.96 20.47 21.82
CA ASP A 181 3.74 21.61 22.71
C ASP A 181 3.17 21.21 24.07
N ALA A 182 3.10 19.91 24.33
CA ALA A 182 2.46 19.40 25.54
C ALA A 182 3.34 19.53 26.79
N LYS A 183 2.69 19.70 27.93
CA LYS A 183 3.40 19.82 29.22
C LYS A 183 3.59 18.48 29.90
N GLU A 184 4.81 17.95 29.83
CA GLU A 184 5.19 16.72 30.55
C GLU A 184 4.19 15.57 30.33
N ARG A 185 3.68 15.47 29.12
CA ARG A 185 2.75 14.42 28.77
C ARG A 185 3.32 13.55 27.66
N THR A 186 2.99 12.27 27.69
CA THR A 186 3.31 11.38 26.57
C THR A 186 2.01 10.93 25.91
N TYR A 187 2.09 10.65 24.61
CA TYR A 187 0.91 10.27 23.86
C TYR A 187 1.08 8.85 23.32
N ILE A 188 0.37 7.93 23.97
CA ILE A 188 0.50 6.49 23.74
CA ILE A 188 0.54 6.52 23.66
C ILE A 188 -0.70 5.94 22.97
N SER A 189 -0.46 4.94 22.13
CA SER A 189 -1.53 4.28 21.40
C SER A 189 -1.54 2.78 21.68
N LYS A 190 -2.72 2.20 21.76
CA LYS A 190 -2.91 0.79 21.88
C LYS A 190 -3.95 0.31 20.89
N PHE A 191 -3.66 -0.77 20.20
CA PHE A 191 -4.60 -1.33 19.24
C PHE A 191 -4.80 -2.81 19.49
N ASN A 192 -6.04 -3.27 19.34
CA ASN A 192 -6.30 -4.70 19.23
C ASN A 192 -6.77 -4.99 17.81
N ILE A 193 -6.01 -5.81 17.10
CA ILE A 193 -6.43 -6.22 15.77
C ILE A 193 -6.99 -7.63 15.76
N ASP A 194 -8.24 -7.75 15.33
CA ASP A 194 -8.90 -9.03 15.18
C ASP A 194 -8.72 -9.54 13.76
N PHE A 195 -7.69 -10.35 13.55
CA PHE A 195 -7.38 -10.81 12.20
C PHE A 195 -8.38 -11.85 11.69
N SER A 196 -9.03 -12.56 12.61
CA SER A 196 -10.07 -13.52 12.23
C SER A 196 -11.25 -12.82 11.57
N ASN A 197 -11.56 -11.61 12.05
CA ASN A 197 -12.70 -10.85 11.55
C ASN A 197 -12.29 -9.60 10.79
N LYS A 198 -10.99 -9.41 10.64
CA LYS A 198 -10.44 -8.24 9.95
C LYS A 198 -11.00 -6.94 10.52
N LYS A 199 -11.14 -6.91 11.83
CA LYS A 199 -11.61 -5.72 12.54
C LYS A 199 -10.51 -5.19 13.43
N LEU A 200 -10.58 -3.91 13.77
CA LEU A 200 -9.56 -3.26 14.57
C LEU A 200 -10.19 -2.28 15.56
N ASN A 201 -9.81 -2.39 16.83
CA ASN A 201 -10.19 -1.41 17.84
CA ASN A 201 -10.19 -1.42 17.85
C ASN A 201 -8.94 -0.79 18.47
N GLY A 202 -9.07 0.44 18.95
CA GLY A 202 -7.92 1.11 19.52
C GLY A 202 -8.18 2.26 20.46
N GLN A 203 -7.17 2.57 21.27
CA GLN A 203 -7.25 3.69 22.18
C GLN A 203 -6.06 4.64 21.99
N LEU A 204 -6.35 5.93 21.92
CA LEU A 204 -5.30 6.95 21.91
C LEU A 204 -5.31 7.68 23.25
N LEU A 205 -4.28 7.47 24.04
CA LEU A 205 -4.26 7.99 25.40
C LEU A 205 -3.19 9.04 25.60
N THR A 206 -3.37 9.84 26.64
CA THR A 206 -2.33 10.73 27.15
C THR A 206 -1.93 10.25 28.54
N LYS A 207 -0.63 10.28 28.83
CA LYS A 207 -0.16 9.91 30.15
C LYS A 207 0.62 11.07 30.77
N THR A 208 0.21 11.48 31.96
CA THR A 208 0.87 12.59 32.66
C THR A 208 2.07 12.11 33.46
N LYS A 209 2.85 13.05 33.96
CA LYS A 209 4.07 12.73 34.70
C LYS A 209 3.81 11.83 35.91
N GLU A 210 2.59 11.87 36.42
CA GLU A 210 2.21 11.03 37.56
C GLU A 210 1.65 9.67 37.12
N ASN A 211 2.07 9.20 35.95
CA ASN A 211 1.65 7.90 35.42
C ASN A 211 0.14 7.71 35.34
N GLN A 212 -0.60 8.81 35.21
CA GLN A 212 -2.05 8.74 35.10
C GLN A 212 -2.50 8.86 33.65
N GLU A 213 -3.19 7.83 33.16
CA GLU A 213 -3.64 7.79 31.77
C GLU A 213 -5.01 8.44 31.57
N LYS A 214 -5.15 9.13 30.44
CA LYS A 214 -6.42 9.74 30.07
C LYS A 214 -6.74 9.39 28.62
N LEU A 215 -7.89 8.76 28.42
CA LEU A 215 -8.31 8.38 27.07
C LEU A 215 -8.79 9.58 26.27
N ARG A 216 -8.25 9.76 25.06
CA ARG A 216 -8.63 10.91 24.25
C ARG A 216 -9.47 10.51 23.02
N TYR A 217 -9.13 9.38 22.41
CA TYR A 217 -9.93 8.84 21.31
C TYR A 217 -10.03 7.32 21.39
N THR A 218 -11.19 6.79 21.02
CA THR A 218 -11.27 5.37 20.74
C THR A 218 -11.34 5.22 19.23
N VAL A 219 -10.78 4.13 18.72
CA VAL A 219 -10.62 3.94 17.29
C VAL A 219 -11.25 2.62 16.86
N GLU A 220 -12.02 2.64 15.78
CA GLU A 220 -12.59 1.44 15.19
C GLU A 220 -12.37 1.44 13.68
N ALA A 221 -11.95 0.31 13.13
CA ALA A 221 -11.71 0.24 11.69
C ALA A 221 -11.83 -1.16 11.11
N ASN A 222 -12.13 -1.22 9.82
CA ASN A 222 -12.23 -2.49 9.11
C ASN A 222 -11.04 -2.70 8.19
N ILE A 223 -10.44 -3.89 8.26
CA ILE A 223 -9.27 -4.20 7.44
C ILE A 223 -9.67 -4.74 6.06
N SER A 224 -9.06 -4.17 5.04
CA SER A 224 -9.22 -4.61 3.66
C SER A 224 -7.88 -4.52 2.94
N GLY A 225 -7.41 -5.64 2.39
CA GLY A 225 -6.04 -5.70 1.91
C GLY A 225 -5.13 -5.57 3.12
N ASN A 226 -4.15 -4.69 3.04
CA ASN A 226 -3.33 -4.39 4.21
C ASN A 226 -3.62 -2.98 4.74
N ARG A 227 -4.82 -2.49 4.44
CA ARG A 227 -5.23 -1.16 4.88
C ARG A 227 -6.45 -1.24 5.78
N PHE A 228 -6.64 -0.22 6.62
CA PHE A 228 -7.87 -0.14 7.38
C PHE A 228 -8.52 1.23 7.28
N ARG A 229 -9.84 1.22 7.22
CA ARG A 229 -10.64 2.43 7.18
C ARG A 229 -11.58 2.42 8.35
N GLY A 230 -11.76 3.57 8.99
CA GLY A 230 -12.66 3.65 10.12
C GLY A 230 -12.89 5.03 10.67
N LYS A 231 -13.10 5.10 11.97
CA LYS A 231 -13.45 6.34 12.61
C LYS A 231 -12.71 6.49 13.93
N ALA A 232 -12.56 7.73 14.37
CA ALA A 232 -11.98 8.00 15.68
C ALA A 232 -12.99 8.82 16.45
N THR A 233 -13.43 8.30 17.58
CA THR A 233 -14.42 8.99 18.39
C THR A 233 -13.75 9.74 19.55
N ALA A 234 -13.96 11.06 19.60
CA ALA A 234 -13.43 11.90 20.67
C ALA A 234 -14.08 11.55 22.00
N THR A 235 -13.24 11.25 23.00
CA THR A 235 -13.70 10.93 24.33
C THR A 235 -14.43 12.10 25.00
N ASP A 236 -13.88 13.30 24.85
CA ASP A 236 -14.37 14.47 25.54
C ASP A 236 -14.73 15.59 24.55
N LYS A 237 -16.01 15.71 24.22
CA LYS A 237 -16.46 16.74 23.30
C LYS A 237 -16.37 18.17 23.86
N THR A 238 -16.04 18.31 25.15
CA THR A 238 -15.85 19.65 25.71
C THR A 238 -14.41 20.11 25.56
N ASP A 239 -13.55 19.22 25.07
CA ASP A 239 -12.16 19.55 24.87
C ASP A 239 -12.01 20.56 23.73
N PRO A 240 -11.35 21.70 24.02
CA PRO A 240 -11.18 22.80 23.06
C PRO A 240 -10.34 22.41 21.84
N ILE A 241 -9.57 21.35 21.96
CA ILE A 241 -8.66 20.96 20.88
C ILE A 241 -8.83 19.50 20.44
N LEU A 242 -9.02 18.60 21.37
CA LEU A 242 -9.13 17.21 21.05
C LEU A 242 -10.53 16.67 21.22
N GLY A 243 -11.51 17.43 20.81
CA GLY A 243 -12.89 17.11 21.01
C GLY A 243 -13.79 16.86 19.84
N LYS A 244 -13.25 16.68 18.66
CA LYS A 244 -14.10 16.49 17.50
C LYS A 244 -13.92 15.10 16.91
N ASP A 245 -15.02 14.49 16.52
CA ASP A 245 -14.99 13.16 15.91
C ASP A 245 -14.40 13.18 14.51
N SER A 246 -14.00 12.00 14.04
CA SER A 246 -13.51 11.84 12.69
C SER A 246 -14.14 10.60 12.06
N GLU A 247 -14.78 10.79 10.91
CA GLU A 247 -15.31 9.67 10.14
C GLU A 247 -14.31 9.29 9.06
N HIS A 248 -13.07 9.73 9.24
CA HIS A 248 -12.05 9.57 8.22
C HIS A 248 -10.70 9.19 8.79
N LEU A 249 -10.64 7.98 9.34
CA LEU A 249 -9.39 7.40 9.79
C LEU A 249 -8.95 6.33 8.78
N GLU A 250 -7.70 6.40 8.34
CA GLU A 250 -7.16 5.42 7.41
C GLU A 250 -5.70 5.16 7.75
N GLY A 251 -5.28 3.92 7.53
CA GLY A 251 -3.90 3.53 7.78
C GLY A 251 -3.62 2.18 7.17
N GLY A 252 -2.44 1.64 7.46
CA GLY A 252 -2.08 0.35 6.93
C GLY A 252 -1.14 -0.45 7.79
N LEU A 253 -1.08 -1.75 7.52
CA LEU A 253 -0.08 -2.61 8.13
C LEU A 253 1.19 -2.52 7.30
N TYR A 254 2.33 -2.57 7.98
CA TYR A 254 3.62 -2.45 7.30
C TYR A 254 4.57 -3.50 7.85
N GLY A 255 5.62 -3.80 7.09
CA GLY A 255 6.51 -4.90 7.40
C GLY A 255 6.02 -6.14 6.69
N PRO A 256 6.94 -7.06 6.36
CA PRO A 256 6.62 -8.24 5.57
C PRO A 256 5.50 -9.09 6.16
N LYS A 257 5.42 -9.16 7.49
CA LYS A 257 4.39 -9.97 8.14
C LYS A 257 3.55 -9.16 9.13
N SER A 258 3.27 -7.90 8.79
CA SER A 258 2.44 -7.02 9.62
C SER A 258 3.00 -6.82 11.02
N GLU A 259 4.29 -6.53 11.10
CA GLU A 259 4.95 -6.31 12.39
C GLU A 259 4.48 -5.00 13.01
N GLU A 260 4.08 -4.05 12.18
CA GLU A 260 3.77 -2.70 12.64
C GLU A 260 2.62 -2.08 11.87
N LEU A 261 2.06 -0.99 12.39
CA LEU A 261 1.10 -0.22 11.60
C LEU A 261 1.30 1.28 11.79
N ALA A 262 0.64 2.05 10.93
CA ALA A 262 0.69 3.49 11.00
C ALA A 262 -0.55 4.03 10.28
N GLY A 263 -0.95 5.24 10.63
CA GLY A 263 -2.13 5.83 10.00
C GLY A 263 -2.43 7.23 10.48
N LYS A 264 -3.58 7.74 10.07
CA LYS A 264 -3.97 9.11 10.37
C LYS A 264 -5.48 9.22 10.50
N PHE A 265 -5.94 10.34 11.07
CA PHE A 265 -7.34 10.73 10.88
C PHE A 265 -7.48 12.24 10.85
N VAL A 266 -8.52 12.70 10.17
CA VAL A 266 -8.82 14.12 10.09
C VAL A 266 -10.19 14.38 10.69
N ALA A 267 -10.25 15.30 11.65
CA ALA A 267 -11.51 15.68 12.27
C ALA A 267 -12.49 16.16 11.20
N HIS A 268 -13.78 15.98 11.44
CA HIS A 268 -14.77 16.25 10.41
C HIS A 268 -14.84 17.74 10.05
N ASP A 269 -14.38 18.60 10.96
CA ASP A 269 -14.38 20.03 10.71
C ASP A 269 -12.98 20.53 10.36
N LYS A 270 -12.06 19.58 10.15
CA LYS A 270 -10.67 19.88 9.80
C LYS A 270 -9.97 20.70 10.90
N SER A 271 -10.36 20.45 12.15
CA SER A 271 -9.76 21.13 13.28
C SER A 271 -8.63 20.31 13.88
N LEU A 272 -8.45 19.08 13.42
CA LEU A 272 -7.36 18.25 13.92
C LEU A 272 -6.86 17.26 12.89
N PHE A 273 -5.54 17.09 12.85
CA PHE A 273 -4.91 16.07 12.05
C PHE A 273 -4.01 15.24 12.96
N ALA A 274 -4.29 13.94 13.07
CA ALA A 274 -3.56 13.09 13.98
C ALA A 274 -2.89 11.94 13.26
N VAL A 275 -1.73 11.52 13.75
CA VAL A 275 -1.03 10.38 13.19
C VAL A 275 -0.69 9.42 14.32
N PHE A 276 -0.65 8.14 14.02
CA PHE A 276 -0.39 7.13 15.04
C PHE A 276 0.45 6.01 14.47
N SER A 277 1.18 5.33 15.36
CA SER A 277 1.97 4.17 14.98
C SER A 277 1.70 3.04 15.96
N GLY A 278 2.09 1.83 15.58
CA GLY A 278 1.87 0.67 16.42
C GLY A 278 2.78 -0.47 16.03
N LYS A 279 3.16 -1.28 17.02
CA LYS A 279 4.08 -2.38 16.81
C LYS A 279 3.67 -3.54 17.70
N ARG A 280 3.58 -4.74 17.13
CA ARG A 280 3.17 -5.89 17.92
C ARG A 280 4.38 -6.53 18.57
N GLY A 281 4.15 -7.43 19.52
CA GLY A 281 5.20 -8.02 20.31
C GLY A 281 6.08 -9.02 19.58
N ASN A 282 6.87 -9.77 20.35
CA ASN A 282 7.85 -10.67 19.76
C ASN A 282 7.37 -12.10 19.59
N ASP A 283 6.16 -12.40 20.07
CA ASP A 283 5.59 -13.73 19.90
C ASP A 283 5.43 -14.07 18.42
N VAL A 284 6.00 -15.20 18.02
CA VAL A 284 5.94 -15.63 16.62
C VAL A 284 4.56 -16.13 16.26
N LEU A 285 3.99 -15.56 15.21
CA LEU A 285 2.63 -15.90 14.79
C LEU A 285 2.65 -16.55 13.41
N GLU A 286 1.71 -17.47 13.19
CA GLU A 286 1.54 -18.03 11.85
C GLU A 286 0.87 -17.01 10.95
N THR A 287 1.46 -16.77 9.79
CA THR A 287 0.92 -15.76 8.88
C THR A 287 0.35 -16.39 7.60
N VAL A 288 -0.40 -15.59 6.84
CA VAL A 288 -0.97 -16.02 5.57
C VAL A 288 -0.86 -14.93 4.51
N LYS A 289 -0.59 -15.33 3.27
CA LYS A 289 -0.50 -14.40 2.15
C LYS A 289 -1.87 -13.80 1.83
N ILE A 290 -1.92 -12.48 1.68
CA ILE A 290 -3.15 -11.84 1.24
C ILE A 290 -2.95 -11.21 -0.14
N ILE A 291 -1.69 -10.91 -0.47
CA ILE A 291 -1.36 -10.17 -1.68
C ILE A 291 -0.17 -10.75 -2.43
N ASP A 292 -0.30 -10.89 -3.74
CA ASP A 292 0.85 -11.16 -4.60
C ASP A 292 1.13 -9.94 -5.46
N ALA A 293 2.36 -9.43 -5.38
CA ALA A 293 2.77 -8.33 -6.24
C ALA A 293 4.28 -8.37 -6.43
N SER A 294 4.69 -8.88 -7.58
CA SER A 294 6.10 -9.00 -7.88
C SER A 294 6.35 -8.70 -9.35
N LYS A 295 7.60 -8.44 -9.69
CA LYS A 295 7.97 -8.23 -11.07
C LYS A 295 9.23 -9.00 -11.42
N ILE A 296 9.31 -9.46 -12.66
CA ILE A 296 10.50 -10.16 -13.15
C ILE A 296 11.26 -9.25 -14.10
N ASP A 297 12.53 -9.00 -13.82
CA ASP A 297 13.33 -8.16 -14.70
C ASP A 297 13.76 -8.94 -15.94
N LEU A 298 13.29 -8.52 -17.11
CA LEU A 298 13.56 -9.28 -18.34
C LEU A 298 14.97 -9.07 -18.88
N THR A 299 15.92 -8.82 -17.98
CA THR A 299 17.33 -8.69 -18.34
C THR A 299 18.17 -9.57 -17.42
N THR A 300 17.87 -9.54 -16.13
CA THR A 300 18.57 -10.37 -15.15
C THR A 300 17.74 -11.59 -14.78
N PHE A 301 16.45 -11.52 -15.09
CA PHE A 301 15.48 -12.57 -14.75
C PHE A 301 15.46 -12.80 -13.25
N GLU A 302 15.63 -11.72 -12.52
CA GLU A 302 15.45 -11.72 -11.07
C GLU A 302 14.05 -11.22 -10.74
N SER A 303 13.52 -11.70 -9.62
CA SER A 303 12.19 -11.27 -9.18
C SER A 303 12.33 -10.30 -8.03
N SER A 304 11.62 -9.18 -8.12
CA SER A 304 11.60 -8.22 -7.03
C SER A 304 10.15 -7.89 -6.68
N GLU A 305 9.93 -7.41 -5.47
CA GLU A 305 8.59 -7.15 -4.95
C GLU A 305 8.10 -5.75 -5.29
N LEU A 306 6.79 -5.64 -5.47
CA LEU A 306 6.15 -4.34 -5.69
C LEU A 306 5.28 -3.96 -4.50
N ASN A 307 5.23 -2.66 -4.21
CA ASN A 307 4.28 -2.17 -3.23
C ASN A 307 2.86 -2.39 -3.73
N ASN A 308 1.97 -2.74 -2.81
CA ASN A 308 0.57 -2.95 -3.16
C ASN A 308 -0.26 -2.94 -1.90
N PHE A 309 -1.47 -2.39 -2.01
CA PHE A 309 -2.29 -2.17 -0.83
C PHE A 309 -3.49 -3.10 -0.75
N GLY A 310 -3.55 -4.07 -1.66
CA GLY A 310 -4.64 -5.03 -1.66
C GLY A 310 -5.54 -4.89 -2.86
N ASN A 311 -5.23 -3.92 -3.71
CA ASN A 311 -5.95 -3.76 -4.97
C ASN A 311 -5.03 -4.21 -6.10
N ALA A 312 -5.42 -5.29 -6.80
CA ALA A 312 -4.60 -5.83 -7.87
C ALA A 312 -4.78 -5.05 -9.16
N ASN A 313 -5.85 -4.27 -9.24
CA ASN A 313 -6.12 -3.46 -10.41
C ASN A 313 -5.42 -2.10 -10.34
N VAL A 314 -4.52 -1.96 -9.37
CA VAL A 314 -3.71 -0.75 -9.21
C VAL A 314 -2.24 -1.12 -9.08
N LEU A 315 -1.41 -0.53 -9.93
CA LEU A 315 0.03 -0.76 -9.88
C LEU A 315 0.73 0.42 -9.20
N ILE A 316 1.49 0.13 -8.14
CA ILE A 316 2.23 1.17 -7.45
C ILE A 316 3.66 1.25 -7.96
N ILE A 317 3.97 2.32 -8.68
CA ILE A 317 5.34 2.59 -9.12
C ILE A 317 5.83 3.89 -8.50
N ASP A 318 6.91 3.80 -7.72
CA ASP A 318 7.44 4.94 -6.98
C ASP A 318 6.38 5.62 -6.13
N GLY A 319 5.60 4.81 -5.42
CA GLY A 319 4.60 5.32 -4.49
C GLY A 319 3.44 6.04 -5.15
N GLN A 320 3.31 5.88 -6.47
CA GLN A 320 2.21 6.50 -7.19
C GLN A 320 1.41 5.44 -7.95
N LYS A 321 0.13 5.71 -8.12
CA LYS A 321 -0.81 4.71 -8.62
C LYS A 321 -0.97 4.72 -10.14
N ILE A 322 -1.08 3.53 -10.71
CA ILE A 322 -1.43 3.38 -12.12
C ILE A 322 -2.65 2.47 -12.22
N ASP A 323 -3.76 3.01 -12.74
CA ASP A 323 -4.97 2.21 -12.89
CA ASP A 323 -4.97 2.22 -12.91
C ASP A 323 -4.84 1.24 -14.06
N LEU A 324 -5.07 -0.04 -13.78
CA LEU A 324 -4.90 -1.07 -14.80
C LEU A 324 -6.22 -1.47 -15.48
N ALA A 325 -7.34 -1.08 -14.88
CA ALA A 325 -8.65 -1.36 -15.46
C ALA A 325 -8.80 -0.68 -16.82
N GLY A 326 -9.56 -1.31 -17.70
CA GLY A 326 -9.79 -0.77 -19.04
C GLY A 326 -10.95 -1.47 -19.72
N ALA A 327 -11.28 -1.02 -20.93
CA ALA A 327 -12.45 -1.53 -21.64
C ALA A 327 -12.11 -2.74 -22.52
N ASP A 328 -10.88 -2.80 -23.01
CA ASP A 328 -10.45 -3.90 -23.87
C ASP A 328 -10.11 -5.15 -23.05
N PHE A 329 -9.76 -6.23 -23.74
CA PHE A 329 -9.34 -7.46 -23.08
C PHE A 329 -8.08 -7.19 -22.25
N LYS A 330 -7.06 -6.66 -22.89
CA LYS A 330 -5.92 -6.11 -22.17
C LYS A 330 -5.74 -4.65 -22.56
N ASN A 331 -5.11 -3.88 -21.69
CA ASN A 331 -5.03 -2.43 -21.90
C ASN A 331 -3.63 -1.86 -21.73
N ARG A 332 -3.25 -0.98 -22.64
CA ARG A 332 -1.99 -0.25 -22.54
C ARG A 332 -2.20 1.04 -21.73
N LYS A 333 -1.45 1.17 -20.64
CA LYS A 333 -1.55 2.36 -19.80
C LYS A 333 -0.23 3.12 -19.80
N THR A 334 -0.30 4.44 -19.98
CA THR A 334 0.89 5.29 -19.98
C THR A 334 0.73 6.41 -18.97
N VAL A 335 1.55 6.38 -17.93
CA VAL A 335 1.52 7.39 -16.87
C VAL A 335 2.92 7.91 -16.63
N ASP A 336 3.06 9.23 -16.49
CA ASP A 336 4.36 9.83 -16.20
C ASP A 336 4.59 9.91 -14.69
N ILE A 337 5.71 9.34 -14.24
CA ILE A 337 6.03 9.28 -12.82
C ILE A 337 7.47 9.68 -12.54
N ASN A 338 7.65 10.82 -11.86
CA ASN A 338 8.97 11.33 -11.49
C ASN A 338 9.89 11.52 -12.68
N GLY A 339 9.36 12.06 -13.77
CA GLY A 339 10.14 12.27 -14.98
C GLY A 339 10.26 11.01 -15.82
N LYS A 340 10.19 9.85 -15.16
CA LYS A 340 10.19 8.56 -15.87
C LYS A 340 8.81 8.28 -16.45
N THR A 341 8.72 8.15 -17.77
CA THR A 341 7.46 7.83 -18.41
C THR A 341 7.26 6.32 -18.52
N MET A 342 6.30 5.80 -17.75
CA MET A 342 6.09 4.36 -17.66
C MET A 342 4.97 3.87 -18.57
N VAL A 343 5.11 2.65 -19.08
CA VAL A 343 4.08 2.00 -19.88
C VAL A 343 3.81 0.60 -19.38
N ALA A 344 2.54 0.28 -19.14
CA ALA A 344 2.15 -1.03 -18.64
C ALA A 344 1.04 -1.65 -19.47
N ILE A 345 1.19 -2.93 -19.81
CA ILE A 345 0.18 -3.66 -20.57
C ILE A 345 -0.51 -4.65 -19.64
N ALA A 346 -1.74 -4.33 -19.24
CA ALA A 346 -2.40 -5.05 -18.16
C ALA A 346 -3.51 -5.96 -18.66
N CYS A 347 -3.42 -7.23 -18.28
CA CYS A 347 -4.39 -8.25 -18.65
C CYS A 347 -4.91 -8.93 -17.37
N CYS A 348 -6.19 -9.31 -17.32
CA CYS A 348 -7.15 -9.11 -18.40
C CYS A 348 -8.49 -8.65 -17.83
N SER A 349 -9.38 -8.21 -18.71
CA SER A 349 -10.68 -7.68 -18.31
C SER A 349 -11.56 -8.72 -17.59
N ASN A 350 -11.41 -9.99 -17.96
CA ASN A 350 -12.24 -11.05 -17.38
C ASN A 350 -11.78 -11.46 -15.98
N LEU A 351 -10.60 -11.01 -15.59
CA LEU A 351 -10.06 -11.30 -14.25
C LEU A 351 -10.33 -10.13 -13.31
N GLU A 352 -11.13 -10.39 -12.27
CA GLU A 352 -11.56 -9.34 -11.35
C GLU A 352 -10.59 -9.10 -10.20
N TYR A 353 -9.78 -10.10 -9.88
CA TYR A 353 -8.98 -10.02 -8.66
C TYR A 353 -7.49 -10.22 -8.93
N MET A 354 -7.11 -10.14 -10.20
CA MET A 354 -5.70 -10.24 -10.55
C MET A 354 -5.37 -9.53 -11.86
N LYS A 355 -4.10 -9.17 -12.01
CA LYS A 355 -3.61 -8.54 -13.23
C LYS A 355 -2.17 -8.96 -13.46
N PHE A 356 -1.79 -9.11 -14.72
CA PHE A 356 -0.42 -9.37 -15.09
C PHE A 356 -0.10 -8.71 -16.43
N GLY A 357 1.18 -8.66 -16.77
CA GLY A 357 1.57 -8.11 -18.06
C GLY A 357 2.97 -7.55 -18.12
N GLN A 358 3.17 -6.59 -19.02
CA GLN A 358 4.49 -6.02 -19.27
C GLN A 358 4.62 -4.63 -18.68
N LEU A 359 5.84 -4.28 -18.27
CA LEU A 359 6.12 -3.01 -17.63
C LEU A 359 7.48 -2.49 -18.07
N TRP A 360 7.52 -1.24 -18.52
CA TRP A 360 8.76 -0.63 -18.94
C TRP A 360 8.71 0.90 -18.87
N GLN A 361 9.86 1.54 -18.99
CA GLN A 361 9.92 2.99 -19.12
C GLN A 361 10.14 3.37 -20.58
N LYS A 362 9.26 4.20 -21.11
CA LYS A 362 9.37 4.62 -22.50
C LYS A 362 10.56 5.54 -22.69
N GLU A 363 11.59 5.05 -23.37
CA GLU A 363 12.66 5.92 -23.83
C GLU A 363 12.10 6.92 -24.83
N GLY A 364 11.06 6.48 -25.53
CA GLY A 364 10.42 7.27 -26.58
C GLY A 364 10.56 6.53 -27.89
N GLU A 365 11.62 5.73 -28.00
CA GLU A 365 11.88 4.95 -29.19
C GLU A 365 12.48 3.57 -28.83
N GLN A 366 12.55 3.30 -27.54
CA GLN A 366 12.95 2.00 -27.03
C GLN A 366 12.06 1.69 -25.83
N THR A 367 12.53 0.78 -24.98
CA THR A 367 11.90 0.49 -23.71
C THR A 367 13.04 0.35 -22.69
N LYS A 368 12.85 0.94 -21.52
CA LYS A 368 13.88 0.88 -20.49
C LYS A 368 13.43 -0.02 -19.34
N ASP A 369 14.36 -0.84 -18.85
CA ASP A 369 14.10 -1.75 -17.72
C ASP A 369 12.85 -2.60 -17.92
N ASN A 370 12.79 -3.34 -19.03
CA ASN A 370 11.66 -4.21 -19.32
C ASN A 370 11.44 -5.24 -18.22
N SER A 371 10.18 -5.46 -17.89
CA SER A 371 9.83 -6.40 -16.83
C SER A 371 8.43 -6.97 -17.03
N LEU A 372 8.18 -8.13 -16.45
CA LEU A 372 6.84 -8.69 -16.37
C LEU A 372 6.37 -8.54 -14.94
N PHE A 373 5.07 -8.41 -14.74
CA PHE A 373 4.55 -8.28 -13.39
C PHE A 373 3.32 -9.17 -13.16
N LEU A 374 3.08 -9.48 -11.89
CA LEU A 374 1.94 -10.27 -11.48
C LEU A 374 1.36 -9.71 -10.20
N GLN A 375 0.07 -9.42 -10.21
CA GLN A 375 -0.61 -8.93 -9.01
C GLN A 375 -1.93 -9.66 -8.79
N GLY A 376 -2.22 -9.96 -7.53
CA GLY A 376 -3.44 -10.67 -7.19
C GLY A 376 -3.81 -10.60 -5.73
N GLU A 377 -5.11 -10.64 -5.46
CA GLU A 377 -5.64 -10.63 -4.10
C GLU A 377 -6.01 -12.05 -3.68
N ARG A 378 -5.13 -12.68 -2.90
CA ARG A 378 -5.28 -14.08 -2.54
C ARG A 378 -6.64 -14.40 -1.95
N THR A 379 -7.12 -15.60 -2.24
CA THR A 379 -8.31 -16.14 -1.62
C THR A 379 -8.01 -16.40 -0.15
N ALA A 380 -9.03 -16.25 0.70
CA ALA A 380 -8.92 -16.69 2.08
C ALA A 380 -8.66 -18.19 2.09
N THR A 381 -7.82 -18.66 3.01
CA THR A 381 -7.45 -20.06 3.07
C THR A 381 -8.66 -20.96 3.30
N ASP A 382 -9.57 -20.52 4.17
CA ASP A 382 -10.75 -21.31 4.50
C ASP A 382 -11.80 -21.28 3.40
N LYS A 383 -11.51 -20.59 2.30
CA LYS A 383 -12.44 -20.50 1.18
C LYS A 383 -11.90 -21.21 -0.05
N ILE A 384 -10.72 -21.80 0.08
CA ILE A 384 -10.17 -22.68 -0.96
C ILE A 384 -10.96 -23.99 -0.97
N PRO A 385 -11.53 -24.36 -2.12
CA PRO A 385 -12.31 -25.61 -2.25
C PRO A 385 -11.55 -26.82 -1.71
N VAL A 386 -12.24 -27.63 -0.92
CA VAL A 386 -11.61 -28.81 -0.31
C VAL A 386 -11.54 -29.98 -1.29
N GLY A 387 -12.36 -29.93 -2.34
CA GLY A 387 -12.39 -30.98 -3.34
C GLY A 387 -13.00 -30.51 -4.64
N GLY A 388 -12.95 -31.37 -5.66
CA GLY A 388 -13.51 -31.05 -6.96
C GLY A 388 -12.45 -30.84 -8.03
N ASN A 389 -12.86 -30.97 -9.29
CA ASN A 389 -11.95 -30.78 -10.40
C ASN A 389 -12.47 -29.72 -11.36
N TYR A 390 -11.64 -28.72 -11.63
CA TYR A 390 -12.07 -27.57 -12.43
C TYR A 390 -11.05 -27.24 -13.50
N LYS A 391 -11.54 -26.67 -14.60
CA LYS A 391 -10.68 -26.19 -15.66
C LYS A 391 -10.52 -24.67 -15.53
N TYR A 392 -9.28 -24.19 -15.68
CA TYR A 392 -9.02 -22.75 -15.70
C TYR A 392 -8.45 -22.38 -17.06
N VAL A 393 -8.93 -21.29 -17.63
CA VAL A 393 -8.49 -20.87 -18.96
C VAL A 393 -8.11 -19.39 -19.01
N GLY A 394 -6.89 -19.12 -19.44
CA GLY A 394 -6.41 -17.76 -19.58
C GLY A 394 -5.28 -17.63 -20.59
N THR A 395 -4.42 -16.66 -20.35
CA THR A 395 -3.30 -16.38 -21.25
C THR A 395 -2.00 -16.30 -20.44
N TRP A 396 -0.94 -15.85 -21.09
CA TRP A 396 0.33 -15.64 -20.39
C TRP A 396 1.25 -14.69 -21.13
N ASP A 397 2.27 -14.22 -20.42
CA ASP A 397 3.32 -13.38 -20.99
C ASP A 397 4.68 -13.97 -20.62
N ALA A 398 5.61 -13.97 -21.55
CA ALA A 398 6.92 -14.53 -21.28
C ALA A 398 8.01 -13.99 -22.18
N LEU A 399 9.25 -14.30 -21.83
CA LEU A 399 10.39 -14.03 -22.67
C LEU A 399 11.46 -15.08 -22.44
N VAL A 400 11.97 -15.66 -23.52
CA VAL A 400 13.03 -16.65 -23.42
C VAL A 400 14.27 -16.15 -24.18
N SER A 401 15.43 -16.27 -23.55
CA SER A 401 16.66 -15.73 -24.13
C SER A 401 17.77 -16.78 -24.20
N LYS A 402 18.04 -17.23 -25.41
CA LYS A 402 19.16 -18.11 -25.67
C LYS A 402 19.74 -17.75 -27.04
N GLY A 403 20.56 -16.70 -27.07
CA GLY A 403 21.06 -16.17 -28.32
C GLY A 403 20.07 -15.18 -28.90
N THR A 404 18.95 -15.70 -29.38
CA THR A 404 17.85 -14.85 -29.84
C THR A 404 16.73 -14.87 -28.81
N ASN A 405 15.71 -14.06 -29.04
CA ASN A 405 14.61 -13.95 -28.09
C ASN A 405 13.34 -14.64 -28.56
N TRP A 406 12.68 -15.31 -27.63
CA TRP A 406 11.36 -15.87 -27.87
C TRP A 406 10.38 -15.21 -26.92
N VAL A 407 9.26 -14.73 -27.45
CA VAL A 407 8.31 -13.99 -26.63
C VAL A 407 6.91 -14.59 -26.73
N ALA A 408 6.15 -14.44 -25.65
CA ALA A 408 4.74 -14.79 -25.64
C ALA A 408 3.98 -13.60 -25.07
N GLU A 409 2.99 -13.10 -25.81
CA GLU A 409 2.20 -11.99 -25.31
C GLU A 409 0.72 -12.33 -25.24
N ALA A 410 0.06 -11.78 -24.23
CA ALA A 410 -1.34 -12.10 -23.93
C ALA A 410 -2.26 -11.81 -25.11
N ASP A 411 -3.21 -12.71 -25.34
CA ASP A 411 -4.20 -12.52 -26.39
C ASP A 411 -5.57 -13.10 -26.01
N ASN A 412 -6.54 -12.95 -26.91
CA ASN A 412 -7.91 -13.33 -26.66
C ASN A 412 -8.32 -14.60 -27.39
N ASN A 413 -7.38 -15.24 -28.06
CA ASN A 413 -7.68 -16.41 -28.88
C ASN A 413 -7.58 -17.71 -28.10
N ARG A 414 -8.72 -18.25 -27.69
CA ARG A 414 -8.75 -19.46 -26.88
C ARG A 414 -8.39 -20.71 -27.70
N GLU A 415 -8.54 -20.61 -29.02
CA GLU A 415 -8.32 -21.76 -29.90
C GLU A 415 -6.85 -22.04 -30.18
N SER A 416 -6.12 -21.03 -30.64
CA SER A 416 -4.73 -21.24 -31.05
C SER A 416 -3.82 -20.08 -30.68
N GLY A 417 -4.23 -19.26 -29.71
CA GLY A 417 -3.43 -18.15 -29.26
C GLY A 417 -2.36 -18.59 -28.28
N TYR A 418 -1.85 -17.64 -27.50
CA TYR A 418 -0.92 -17.97 -26.43
C TYR A 418 -1.70 -18.47 -25.22
N ARG A 419 -2.39 -19.58 -25.39
CA ARG A 419 -3.30 -20.11 -24.38
C ARG A 419 -2.57 -20.56 -23.12
N SER A 420 -3.28 -20.47 -22.00
CA SER A 420 -2.83 -21.07 -20.76
C SER A 420 -3.99 -21.86 -20.19
N GLU A 421 -3.78 -23.15 -19.99
CA GLU A 421 -4.86 -24.03 -19.56
C GLU A 421 -4.48 -24.79 -18.30
N PHE A 422 -5.42 -24.93 -17.38
CA PHE A 422 -5.14 -25.56 -16.09
C PHE A 422 -6.25 -26.51 -15.64
N ASP A 423 -5.82 -27.63 -15.08
CA ASP A 423 -6.73 -28.52 -14.39
C ASP A 423 -6.35 -28.52 -12.93
N VAL A 424 -7.29 -28.13 -12.08
CA VAL A 424 -7.03 -28.05 -10.66
C VAL A 424 -7.81 -29.14 -9.95
N ASN A 425 -7.08 -29.94 -9.19
CA ASN A 425 -7.67 -30.99 -8.38
C ASN A 425 -7.54 -30.61 -6.92
N PHE A 426 -8.59 -30.02 -6.36
CA PHE A 426 -8.53 -29.52 -4.99
C PHE A 426 -8.52 -30.66 -3.98
N GLY A 427 -9.12 -31.78 -4.35
CA GLY A 427 -9.11 -32.96 -3.50
C GLY A 427 -7.72 -33.52 -3.35
N ASP A 428 -7.02 -33.70 -4.47
CA ASP A 428 -5.65 -34.20 -4.46
C ASP A 428 -4.63 -33.08 -4.30
N LYS A 429 -5.12 -31.85 -4.13
CA LYS A 429 -4.27 -30.67 -3.97
C LYS A 429 -3.23 -30.56 -5.08
N LYS A 430 -3.71 -30.60 -6.32
CA LYS A 430 -2.83 -30.66 -7.48
C LYS A 430 -3.20 -29.62 -8.52
N VAL A 431 -2.19 -28.99 -9.10
CA VAL A 431 -2.39 -28.11 -10.23
C VAL A 431 -1.53 -28.57 -11.41
N SER A 432 -2.17 -28.72 -12.57
CA SER A 432 -1.48 -29.09 -13.79
C SER A 432 -1.78 -28.08 -14.88
N GLY A 433 -0.73 -27.51 -15.47
CA GLY A 433 -0.90 -26.45 -16.43
C GLY A 433 -0.14 -26.62 -17.72
N LYS A 434 -0.66 -26.01 -18.78
CA LYS A 434 0.01 -26.02 -20.06
C LYS A 434 0.02 -24.62 -20.66
N LEU A 435 1.20 -24.20 -21.09
CA LEU A 435 1.37 -22.90 -21.73
C LEU A 435 1.71 -23.08 -23.20
N PHE A 436 0.85 -22.57 -24.07
CA PHE A 436 0.99 -22.79 -25.51
C PHE A 436 1.62 -21.61 -26.23
N ASP A 437 2.38 -21.92 -27.29
CA ASP A 437 2.80 -20.92 -28.26
C ASP A 437 1.60 -20.63 -29.15
N LYS A 438 1.58 -19.48 -29.81
CA LYS A 438 0.50 -19.17 -30.73
C LYS A 438 0.50 -20.15 -31.90
N GLY A 439 -0.70 -20.64 -32.25
CA GLY A 439 -0.85 -21.58 -33.35
C GLY A 439 -0.43 -23.00 -33.00
N GLY A 440 0.41 -23.14 -31.99
CA GLY A 440 0.90 -24.44 -31.56
C GLY A 440 -0.20 -25.38 -31.12
N ILE A 441 0.07 -26.67 -31.18
CA ILE A 441 -0.89 -27.68 -30.77
C ILE A 441 -0.32 -28.45 -29.58
N VAL A 442 0.98 -28.25 -29.35
CA VAL A 442 1.67 -28.83 -28.21
C VAL A 442 2.19 -27.70 -27.30
N PRO A 443 1.96 -27.82 -25.98
CA PRO A 443 2.44 -26.81 -25.05
C PRO A 443 3.97 -26.72 -25.05
N VAL A 444 4.49 -25.51 -24.85
CA VAL A 444 5.93 -25.31 -24.77
C VAL A 444 6.40 -25.44 -23.32
N PHE A 445 5.49 -25.16 -22.39
CA PHE A 445 5.77 -25.35 -20.97
C PHE A 445 4.67 -26.17 -20.32
N MET A 446 5.05 -27.05 -19.41
CA MET A 446 4.08 -27.81 -18.64
C MET A 446 4.32 -27.64 -17.15
N ILE A 447 3.27 -27.19 -16.47
CA ILE A 447 3.38 -26.84 -15.06
C ILE A 447 2.81 -27.94 -14.18
N ASN A 448 3.59 -28.35 -13.19
CA ASN A 448 3.14 -29.33 -12.22
C ASN A 448 3.38 -28.82 -10.80
N ALA A 449 2.30 -28.52 -10.08
CA ALA A 449 2.43 -27.89 -8.78
C ALA A 449 1.55 -28.53 -7.70
N ASP A 450 1.89 -28.22 -6.45
CA ASP A 450 1.15 -28.72 -5.30
C ASP A 450 0.46 -27.57 -4.57
N ILE A 451 -0.82 -27.75 -4.28
CA ILE A 451 -1.61 -26.73 -3.60
C ILE A 451 -1.36 -26.74 -2.10
N LYS A 452 -0.81 -25.66 -1.59
CA LYS A 452 -0.62 -25.48 -0.15
C LYS A 452 -1.16 -24.12 0.26
N GLY A 453 -2.19 -24.12 1.10
CA GLY A 453 -2.81 -22.89 1.54
C GLY A 453 -3.60 -22.26 0.42
N ASN A 454 -3.44 -20.94 0.24
CA ASN A 454 -4.12 -20.25 -0.85
C ASN A 454 -3.21 -20.03 -2.05
N GLY A 455 -2.14 -20.80 -2.12
CA GLY A 455 -1.25 -20.75 -3.26
C GLY A 455 -0.83 -22.14 -3.70
N PHE A 456 0.10 -22.21 -4.64
CA PHE A 456 0.65 -23.48 -5.07
C PHE A 456 2.12 -23.32 -5.45
N THR A 457 2.85 -24.43 -5.40
CA THR A 457 4.27 -24.42 -5.73
C THR A 457 4.63 -25.68 -6.52
N GLY A 458 5.51 -25.52 -7.51
CA GLY A 458 5.95 -26.65 -8.31
C GLY A 458 7.00 -26.32 -9.35
N THR A 459 6.98 -27.07 -10.46
CA THR A 459 7.98 -26.93 -11.50
C THR A 459 7.37 -26.59 -12.86
N ALA A 460 8.18 -25.98 -13.71
CA ALA A 460 7.84 -25.82 -15.12
C ALA A 460 8.88 -26.55 -15.95
N ASN A 461 8.42 -27.31 -16.94
CA ASN A 461 9.32 -28.08 -17.81
C ASN A 461 8.94 -27.93 -19.27
N THR A 462 9.94 -27.87 -20.13
CA THR A 462 9.72 -28.04 -21.56
C THR A 462 9.80 -29.52 -21.85
N THR A 463 9.46 -29.92 -23.06
CA THR A 463 9.62 -31.32 -23.45
C THR A 463 11.10 -31.66 -23.50
N ASP A 464 11.41 -32.93 -23.73
CA ASP A 464 12.79 -33.39 -23.78
C ASP A 464 13.63 -32.60 -24.79
N THR A 465 12.99 -32.19 -25.88
CA THR A 465 13.69 -31.57 -26.99
C THR A 465 13.44 -30.07 -27.10
N GLY A 466 12.35 -29.60 -26.49
CA GLY A 466 12.07 -28.17 -26.42
C GLY A 466 11.25 -27.59 -27.55
N PHE A 467 11.29 -26.27 -27.69
CA PHE A 467 10.52 -25.59 -28.74
C PHE A 467 11.36 -24.56 -29.48
N ALA A 468 11.17 -24.49 -30.80
CA ALA A 468 11.93 -23.60 -31.66
C ALA A 468 11.69 -22.14 -31.32
N LEU A 469 12.77 -21.37 -31.25
CA LEU A 469 12.67 -19.94 -30.98
C LEU A 469 11.94 -19.24 -32.13
N ASP A 470 12.13 -19.75 -33.34
CA ASP A 470 11.27 -19.45 -34.49
C ASP A 470 11.71 -20.24 -35.72
N SER A 471 10.73 -20.51 -36.59
CA SER A 471 10.89 -21.19 -37.88
C SER A 471 12.32 -21.28 -38.42
N GLN A 475 19.08 -25.03 -37.64
CA GLN A 475 20.26 -24.52 -36.96
C GLN A 475 19.84 -23.48 -35.95
N HIS A 476 18.58 -23.08 -36.06
CA HIS A 476 18.00 -22.13 -35.12
C HIS A 476 17.95 -22.79 -33.76
N GLY A 477 18.59 -22.18 -32.77
CA GLY A 477 18.60 -22.72 -31.42
C GLY A 477 17.19 -22.82 -30.86
N ASN A 478 17.00 -23.68 -29.87
CA ASN A 478 15.69 -23.79 -29.24
C ASN A 478 15.82 -24.07 -27.74
N ALA A 479 14.77 -23.74 -27.00
CA ALA A 479 14.85 -23.69 -25.53
C ALA A 479 14.54 -25.03 -24.86
N VAL A 480 15.35 -25.36 -23.87
CA VAL A 480 15.10 -26.53 -23.02
C VAL A 480 15.27 -26.15 -21.56
N PHE A 481 14.24 -26.43 -20.76
CA PHE A 481 14.22 -26.02 -19.36
C PHE A 481 13.77 -27.16 -18.44
N SER A 482 14.54 -27.40 -17.39
CA SER A 482 14.28 -28.51 -16.48
C SER A 482 14.01 -28.06 -15.05
N ASP A 483 12.81 -28.37 -14.56
CA ASP A 483 12.40 -28.12 -13.18
C ASP A 483 12.64 -26.69 -12.70
N ILE A 484 12.10 -25.73 -13.44
CA ILE A 484 12.11 -24.34 -13.00
C ILE A 484 11.05 -24.13 -11.94
N LYS A 485 11.40 -23.51 -10.83
CA LYS A 485 10.46 -23.34 -9.73
C LYS A 485 9.31 -22.43 -10.14
N VAL A 486 8.09 -22.86 -9.83
CA VAL A 486 6.89 -22.11 -10.14
C VAL A 486 6.16 -21.69 -8.87
N ASN A 487 5.86 -20.40 -8.76
CA ASN A 487 5.07 -19.90 -7.65
C ASN A 487 3.80 -19.24 -8.13
N GLY A 488 2.68 -19.57 -7.49
CA GLY A 488 1.41 -19.00 -7.87
C GLY A 488 0.44 -18.96 -6.71
N GLY A 489 -0.77 -18.46 -6.98
CA GLY A 489 -1.79 -18.39 -5.95
C GLY A 489 -3.20 -18.33 -6.51
N PHE A 490 -4.18 -18.65 -5.66
CA PHE A 490 -5.57 -18.51 -6.04
C PHE A 490 -6.11 -17.16 -5.57
N TYR A 491 -6.88 -16.51 -6.43
CA TYR A 491 -7.35 -15.17 -6.16
C TYR A 491 -8.86 -15.06 -6.27
N GLY A 492 -9.45 -14.14 -5.53
CA GLY A 492 -10.89 -13.94 -5.54
C GLY A 492 -11.55 -14.62 -4.35
N PRO A 493 -12.84 -14.34 -4.14
CA PRO A 493 -13.62 -14.85 -3.00
C PRO A 493 -13.64 -16.38 -2.92
N THR A 494 -13.73 -17.06 -4.06
CA THR A 494 -13.82 -18.52 -4.06
C THR A 494 -12.75 -19.18 -4.93
N ALA A 495 -11.60 -18.52 -5.07
CA ALA A 495 -10.48 -19.02 -5.86
C ALA A 495 -10.85 -19.24 -7.34
N GLY A 496 -11.83 -18.48 -7.81
CA GLY A 496 -12.28 -18.60 -9.19
C GLY A 496 -11.30 -18.08 -10.23
N GLU A 497 -10.13 -17.63 -9.75
CA GLU A 497 -9.07 -17.17 -10.63
C GLU A 497 -7.74 -17.65 -10.08
N LEU A 498 -6.79 -17.94 -10.98
CA LEU A 498 -5.46 -18.32 -10.53
C LEU A 498 -4.40 -17.67 -11.40
N GLY A 499 -3.20 -17.58 -10.86
CA GLY A 499 -2.08 -17.00 -11.59
C GLY A 499 -0.77 -17.43 -10.96
N GLY A 500 0.33 -17.22 -11.69
CA GLY A 500 1.63 -17.58 -11.19
C GLY A 500 2.76 -17.10 -12.06
N GLN A 501 3.98 -17.39 -11.65
CA GLN A 501 5.17 -16.92 -12.34
C GLN A 501 6.31 -17.90 -12.21
N PHE A 502 7.29 -17.78 -13.10
CA PHE A 502 8.56 -18.47 -12.95
C PHE A 502 9.64 -17.78 -13.75
N HIS A 503 10.88 -17.94 -13.31
CA HIS A 503 12.00 -17.24 -13.90
C HIS A 503 13.28 -18.01 -13.69
N HIS A 504 14.20 -17.89 -14.64
CA HIS A 504 15.46 -18.61 -14.56
C HIS A 504 16.51 -17.92 -15.42
N LYS A 505 17.71 -17.76 -14.87
CA LYS A 505 18.83 -17.21 -15.63
C LYS A 505 19.97 -18.22 -15.74
N SER A 506 20.42 -18.45 -16.97
CA SER A 506 21.57 -19.31 -17.21
C SER A 506 22.18 -19.01 -18.57
N ASP A 507 23.35 -19.57 -18.83
CA ASP A 507 24.05 -19.31 -20.08
C ASP A 507 23.53 -20.18 -21.21
N ASN A 508 22.85 -21.27 -20.85
CA ASN A 508 22.22 -22.12 -21.85
C ASN A 508 20.74 -21.78 -22.02
N GLY A 509 20.39 -20.53 -21.74
CA GLY A 509 19.04 -20.05 -21.91
C GLY A 509 18.42 -19.49 -20.64
N SER A 510 17.60 -18.44 -20.80
CA SER A 510 16.92 -17.81 -19.67
C SER A 510 15.45 -17.55 -19.97
N VAL A 511 14.63 -17.44 -18.93
CA VAL A 511 13.19 -17.26 -19.12
C VAL A 511 12.53 -16.50 -17.97
N GLY A 512 11.51 -15.72 -18.29
CA GLY A 512 10.65 -15.11 -17.30
C GLY A 512 9.23 -15.15 -17.81
N ALA A 513 8.32 -15.69 -16.99
CA ALA A 513 6.94 -15.88 -17.43
C ALA A 513 5.92 -15.57 -16.34
N VAL A 514 4.81 -14.95 -16.73
CA VAL A 514 3.66 -14.75 -15.84
C VAL A 514 2.39 -15.19 -16.55
N PHE A 515 1.43 -15.70 -15.78
CA PHE A 515 0.19 -16.22 -16.35
C PHE A 515 -0.99 -16.06 -15.40
N GLY A 516 -2.20 -16.01 -15.96
CA GLY A 516 -3.41 -15.94 -15.17
C GLY A 516 -4.54 -16.66 -15.89
N ALA A 517 -5.48 -17.23 -15.13
CA ALA A 517 -6.56 -18.00 -15.75
C ALA A 517 -7.86 -17.92 -14.94
N LYS A 518 -8.97 -18.01 -15.65
CA LYS A 518 -10.30 -17.92 -15.05
C LYS A 518 -10.95 -19.30 -14.97
N ARG A 519 -11.58 -19.60 -13.84
CA ARG A 519 -12.24 -20.89 -13.65
C ARG A 519 -13.41 -21.04 -14.62
N GLN A 520 -13.59 -22.25 -15.13
CA GLN A 520 -14.59 -22.48 -16.17
C GLN A 520 -15.81 -23.25 -15.66
N ILE A 521 -16.93 -23.10 -16.37
CA ILE A 521 -18.09 -23.96 -16.19
C ILE A 521 -18.43 -24.58 -17.54
N GLU A 522 -19.13 -25.71 -17.52
CA GLU A 522 -19.56 -26.37 -18.74
C GLU A 522 -20.97 -25.92 -19.13
N LYS A 523 -21.14 -25.56 -20.39
CA LYS A 523 -22.45 -25.20 -20.92
C LYS A 523 -23.17 -26.40 -21.52
C1 GOL B . 13.90 8.50 17.95
O1 GOL B . 12.79 7.65 18.18
C2 GOL B . 13.49 9.65 17.04
O2 GOL B . 12.26 10.16 17.48
C3 GOL B . 14.54 10.74 17.10
O3 GOL B . 14.28 11.69 16.07
C ACT C . 15.35 -0.58 15.84
O ACT C . 14.53 -1.11 16.61
OXT ACT C . 15.22 0.65 15.66
CH3 ACT C . 16.43 -1.37 15.15
C ACT D . -7.27 4.15 30.62
O ACT D . -7.58 3.05 30.08
OXT ACT D . -6.27 4.12 31.38
CH3 ACT D . -8.04 5.42 30.35
C ACT E . 20.53 33.60 5.70
O ACT E . 20.22 32.67 4.91
OXT ACT E . 20.62 34.74 5.19
CH3 ACT E . 20.77 33.36 7.17
C ACT F . -11.10 -4.79 -5.55
O ACT F . -10.23 -4.49 -4.74
OXT ACT F . -10.84 -5.38 -6.61
CH3 ACT F . -12.52 -4.41 -5.28
#